data_7K69
#
_entry.id   7K69
#
_cell.length_a   28.710
_cell.length_b   67.070
_cell.length_c   44.110
_cell.angle_alpha   90.000
_cell.angle_beta   91.337
_cell.angle_gamma   90.000
#
_symmetry.space_group_name_H-M   'P 1 21 1'
#
loop_
_entity.id
_entity.type
_entity.pdbx_description
1 polymer 'Dihydrofolate reductase'
2 non-polymer 'NADP NICOTINAMIDE-ADENINE-DINUCLEOTIDE PHOSPHATE'
3 non-polymer '1-{2-[2-(2,4-diamino-5,7-dihydro-6H-pyrrolo[3,4-d]pyrimidin-6-yl)-2-oxoethoxy]phenyl}piperidine-4-carboxylic acid'
4 non-polymer SERINE
5 water water
#
_entity_poly.entity_id   1
_entity_poly.type   'polypeptide(L)'
_entity_poly.pdbx_seq_one_letter_code
;MAHHHHHHMTSVGLIWAQSTSGVIGRDGGIPWRLPEDLAHFKRLTMGHTVVMGRRTWDSLPAAHRPLPGRRNVVVTRQTG
LVAHGAQVVGSLEQALCPAEPDAATWVIGGAQIYALALPLANRCEVTEVDVDLPPEDEDALAPVLDQTWAGTSGEWLVSR
SGLRYRMHSYRRL
;
_entity_poly.pdbx_strand_id   A
#
# COMPACT_ATOMS: atom_id res chain seq x y z
N SER A 11 8.61 10.44 -9.24
CA SER A 11 8.59 10.36 -7.78
C SER A 11 7.61 9.29 -7.32
N VAL A 12 8.15 8.20 -6.78
CA VAL A 12 7.37 7.02 -6.44
C VAL A 12 7.32 6.88 -4.93
N GLY A 13 6.13 6.71 -4.39
CA GLY A 13 5.93 6.50 -2.97
C GLY A 13 5.28 5.15 -2.73
N LEU A 14 5.59 4.55 -1.59
CA LEU A 14 4.90 3.37 -1.09
C LEU A 14 4.01 3.78 0.07
N ILE A 15 2.85 3.16 0.18
CA ILE A 15 1.98 3.37 1.33
C ILE A 15 1.47 2.01 1.77
N TRP A 16 1.61 1.69 3.06
CA TRP A 16 1.11 0.44 3.61
C TRP A 16 0.79 0.62 5.08
N ALA A 17 -0.02 -0.32 5.58
CA ALA A 17 -0.32 -0.46 7.01
C ALA A 17 0.20 -1.82 7.47
N GLN A 18 0.87 -1.85 8.60
CA GLN A 18 1.43 -3.10 9.11
C GLN A 18 1.18 -3.22 10.59
N SER A 19 1.04 -4.45 11.06
CA SER A 19 1.17 -4.66 12.49
C SER A 19 2.60 -4.35 12.90
N THR A 20 2.79 -4.14 14.20
CA THR A 20 4.15 -3.97 14.69
C THR A 20 5.02 -5.16 14.30
N SER A 21 4.45 -6.36 14.29
CA SER A 21 5.19 -7.55 13.93
C SER A 21 5.57 -7.58 12.45
N GLY A 22 4.96 -6.74 11.63
CA GLY A 22 5.31 -6.68 10.22
C GLY A 22 4.33 -7.32 9.26
N VAL A 23 3.19 -7.82 9.75
CA VAL A 23 2.19 -8.42 8.87
C VAL A 23 1.40 -7.33 8.15
N ILE A 24 1.20 -7.51 6.84
CA ILE A 24 0.29 -6.64 6.09
C ILE A 24 -0.93 -7.35 5.53
N GLY A 25 -0.89 -8.68 5.38
CA GLY A 25 -1.96 -9.37 4.69
C GLY A 25 -2.11 -10.77 5.21
N ARG A 26 -3.35 -11.23 5.23
CA ARG A 26 -3.66 -12.60 5.63
C ARG A 26 -5.01 -12.99 5.06
N ASP A 27 -5.10 -14.21 4.53
CA ASP A 27 -6.37 -14.76 4.05
CA ASP A 27 -6.35 -14.78 4.03
C ASP A 27 -7.02 -13.87 3.01
N GLY A 28 -6.21 -13.26 2.15
CA GLY A 28 -6.73 -12.41 1.09
C GLY A 28 -7.25 -11.07 1.54
N GLY A 29 -6.97 -10.68 2.76
CA GLY A 29 -7.34 -9.34 3.20
C GLY A 29 -6.34 -8.81 4.21
N ILE A 30 -6.79 -7.86 5.02
CA ILE A 30 -5.98 -7.21 6.05
C ILE A 30 -6.53 -7.63 7.40
N PRO A 31 -5.71 -8.23 8.28
CA PRO A 31 -6.25 -8.88 9.50
C PRO A 31 -6.45 -7.95 10.70
N TRP A 32 -6.97 -6.76 10.43
CA TRP A 32 -7.46 -5.85 11.47
C TRP A 32 -8.40 -4.86 10.79
N ARG A 33 -9.18 -4.15 11.61
CA ARG A 33 -10.06 -3.10 11.11
C ARG A 33 -9.59 -1.79 11.73
N LEU A 34 -9.28 -0.81 10.88
CA LEU A 34 -8.77 0.47 11.37
C LEU A 34 -9.34 1.58 10.50
N PRO A 35 -10.54 2.07 10.82
CA PRO A 35 -11.22 3.01 9.91
C PRO A 35 -10.44 4.29 9.67
N GLU A 36 -9.75 4.79 10.70
CA GLU A 36 -8.96 6.01 10.52
C GLU A 36 -7.83 5.81 9.51
N ASP A 37 -7.28 4.60 9.40
CA ASP A 37 -6.22 4.33 8.43
CA ASP A 37 -6.23 4.44 8.43
C ASP A 37 -6.79 4.26 7.02
N LEU A 38 -7.94 3.61 6.88
CA LEU A 38 -8.59 3.56 5.58
C LEU A 38 -8.86 4.96 5.06
N ALA A 39 -9.33 5.85 5.94
CA ALA A 39 -9.59 7.22 5.53
C ALA A 39 -8.30 7.94 5.16
N HIS A 40 -7.25 7.76 5.95
CA HIS A 40 -5.94 8.33 5.65
C HIS A 40 -5.44 7.87 4.28
N PHE A 41 -5.56 6.58 3.99
CA PHE A 41 -5.15 6.05 2.70
C PHE A 41 -5.93 6.71 1.57
N LYS A 42 -7.26 6.79 1.74
CA LYS A 42 -8.11 7.38 0.72
CA LYS A 42 -8.11 7.39 0.71
C LYS A 42 -7.75 8.85 0.47
N ARG A 43 -7.52 9.60 1.56
CA ARG A 43 -7.18 11.02 1.45
CA ARG A 43 -7.24 11.01 1.35
C ARG A 43 -5.86 11.24 0.73
N LEU A 44 -4.87 10.42 1.07
CA LEU A 44 -3.53 10.58 0.51
CA LEU A 44 -3.53 10.60 0.50
C LEU A 44 -3.49 10.20 -0.96
N THR A 45 -4.27 9.19 -1.36
CA THR A 45 -4.12 8.69 -2.72
C THR A 45 -5.12 9.27 -3.71
N MET A 46 -6.21 9.90 -3.25
CA MET A 46 -7.24 10.37 -4.17
C MET A 46 -6.65 11.30 -5.22
N GLY A 47 -7.08 11.11 -6.47
CA GLY A 47 -6.63 11.88 -7.60
C GLY A 47 -5.30 11.43 -8.17
N HIS A 48 -4.66 10.44 -7.57
CA HIS A 48 -3.34 10.01 -8.02
C HIS A 48 -3.40 8.64 -8.69
N THR A 49 -2.27 8.24 -9.28
CA THR A 49 -2.10 6.88 -9.80
C THR A 49 -1.78 5.93 -8.66
N VAL A 50 -2.46 4.79 -8.62
CA VAL A 50 -2.17 3.75 -7.62
C VAL A 50 -1.77 2.47 -8.37
N VAL A 51 -0.61 1.93 -8.01
CA VAL A 51 -0.02 0.75 -8.64
C VAL A 51 -0.08 -0.42 -7.67
N MET A 52 -0.61 -1.56 -8.11
CA MET A 52 -0.77 -2.70 -7.21
C MET A 52 -0.48 -4.01 -7.94
N GLY A 53 -0.12 -5.03 -7.15
CA GLY A 53 -0.02 -6.37 -7.69
C GLY A 53 -1.38 -6.98 -7.96
N ARG A 54 -1.37 -7.98 -8.82
CA ARG A 54 -2.62 -8.63 -9.22
C ARG A 54 -3.35 -9.23 -8.02
N ARG A 55 -2.62 -9.79 -7.05
CA ARG A 55 -3.30 -10.36 -5.90
C ARG A 55 -4.01 -9.29 -5.07
N THR A 56 -3.40 -8.11 -4.94
CA THR A 56 -4.09 -7.02 -4.24
C THR A 56 -5.32 -6.54 -5.04
N TRP A 57 -5.21 -6.44 -6.36
CA TRP A 57 -6.39 -6.13 -7.17
C TRP A 57 -7.51 -7.12 -6.92
N ASP A 58 -7.17 -8.42 -6.83
CA ASP A 58 -8.18 -9.43 -6.60
C ASP A 58 -8.77 -9.36 -5.19
N SER A 59 -8.05 -8.76 -4.24
CA SER A 59 -8.49 -8.63 -2.85
CA SER A 59 -8.55 -8.68 -2.87
C SER A 59 -9.44 -7.45 -2.63
N LEU A 60 -9.55 -6.55 -3.59
CA LEU A 60 -10.34 -5.34 -3.35
C LEU A 60 -11.82 -5.70 -3.32
N PRO A 61 -12.58 -5.30 -2.30
CA PRO A 61 -14.03 -5.54 -2.34
C PRO A 61 -14.69 -4.84 -3.52
N ALA A 62 -15.86 -5.37 -3.92
CA ALA A 62 -16.51 -4.94 -5.15
C ALA A 62 -16.71 -3.43 -5.22
N ALA A 63 -17.16 -2.82 -4.12
CA ALA A 63 -17.36 -1.37 -4.11
C ALA A 63 -16.05 -0.59 -4.26
N HIS A 64 -14.90 -1.26 -4.18
CA HIS A 64 -13.61 -0.58 -4.25
C HIS A 64 -12.73 -1.13 -5.37
N ARG A 65 -13.31 -1.76 -6.39
CA ARG A 65 -12.55 -2.41 -7.45
C ARG A 65 -13.18 -1.96 -8.76
N PRO A 66 -12.65 -0.90 -9.37
CA PRO A 66 -11.42 -0.18 -9.05
C PRO A 66 -11.59 0.85 -7.94
N LEU A 67 -10.46 1.25 -7.39
CA LEU A 67 -10.46 2.31 -6.39
C LEU A 67 -10.93 3.60 -7.05
N PRO A 68 -12.01 4.22 -6.55
CA PRO A 68 -12.61 5.35 -7.25
C PRO A 68 -11.72 6.58 -7.17
N GLY A 69 -11.72 7.36 -8.25
CA GLY A 69 -11.03 8.64 -8.28
C GLY A 69 -9.53 8.56 -8.39
N ARG A 70 -9.01 7.39 -8.76
CA ARG A 70 -7.59 7.15 -8.91
C ARG A 70 -7.37 6.35 -10.18
N ARG A 71 -6.22 6.56 -10.80
CA ARG A 71 -5.83 5.76 -11.95
C ARG A 71 -5.27 4.45 -11.42
N ASN A 72 -6.00 3.35 -11.63
CA ASN A 72 -5.63 2.03 -11.11
C ASN A 72 -4.74 1.33 -12.13
N VAL A 73 -3.58 0.86 -11.68
CA VAL A 73 -2.63 0.13 -12.52
C VAL A 73 -2.35 -1.19 -11.82
N VAL A 74 -2.47 -2.30 -12.56
CA VAL A 74 -2.35 -3.64 -12.00
C VAL A 74 -1.19 -4.36 -12.67
N VAL A 75 -0.30 -4.90 -11.85
CA VAL A 75 0.92 -5.55 -12.33
C VAL A 75 0.71 -7.06 -12.30
N THR A 76 0.90 -7.71 -13.45
CA THR A 76 0.70 -9.15 -13.60
C THR A 76 1.65 -9.69 -14.67
N ARG A 77 1.94 -10.99 -14.58
CA ARG A 77 2.63 -11.64 -15.69
C ARG A 77 1.67 -12.25 -16.69
N GLN A 78 0.37 -12.17 -16.43
CA GLN A 78 -0.64 -12.78 -17.31
C GLN A 78 -0.96 -11.82 -18.43
N THR A 79 -0.34 -12.04 -19.57
CA THR A 79 -0.79 -11.40 -20.78
C THR A 79 -2.21 -11.86 -21.08
N GLY A 80 -3.06 -10.92 -21.49
CA GLY A 80 -4.45 -11.21 -21.69
C GLY A 80 -5.34 -11.00 -20.48
N LEU A 81 -4.75 -10.71 -19.31
CA LEU A 81 -5.57 -10.36 -18.17
C LEU A 81 -6.25 -9.02 -18.44
N VAL A 82 -7.56 -8.98 -18.24
CA VAL A 82 -8.33 -7.75 -18.26
C VAL A 82 -8.81 -7.47 -16.84
N ALA A 83 -8.61 -6.24 -16.42
CA ALA A 83 -9.02 -5.79 -15.10
C ALA A 83 -9.95 -4.61 -15.36
N HIS A 84 -11.26 -4.85 -15.34
CA HIS A 84 -12.19 -3.77 -15.67
C HIS A 84 -12.01 -2.61 -14.71
N GLY A 85 -11.72 -1.44 -15.27
CA GLY A 85 -11.54 -0.23 -14.49
C GLY A 85 -10.11 0.06 -14.15
N ALA A 86 -9.19 -0.79 -14.61
CA ALA A 86 -7.76 -0.63 -14.34
C ALA A 86 -6.99 -0.84 -15.63
N GLN A 87 -5.74 -0.36 -15.62
CA GLN A 87 -4.78 -0.59 -16.69
C GLN A 87 -3.87 -1.74 -16.28
N VAL A 88 -3.72 -2.71 -17.16
CA VAL A 88 -2.91 -3.90 -16.90
C VAL A 88 -1.54 -3.69 -17.53
N VAL A 89 -0.48 -3.87 -16.75
CA VAL A 89 0.90 -3.79 -17.23
C VAL A 89 1.63 -5.05 -16.78
N GLY A 90 2.76 -5.33 -17.46
CA GLY A 90 3.51 -6.55 -17.29
C GLY A 90 4.73 -6.50 -16.39
N SER A 91 5.01 -5.35 -15.78
CA SER A 91 6.15 -5.20 -14.90
C SER A 91 5.91 -3.94 -14.09
N LEU A 92 6.59 -3.85 -12.95
CA LEU A 92 6.50 -2.61 -12.20
C LEU A 92 7.18 -1.46 -12.95
N GLU A 93 8.26 -1.74 -13.69
CA GLU A 93 8.86 -0.70 -14.52
C GLU A 93 7.84 -0.15 -15.52
N GLN A 94 7.05 -1.02 -16.15
CA GLN A 94 6.00 -0.55 -17.05
C GLN A 94 5.01 0.34 -16.33
N ALA A 95 4.61 -0.03 -15.11
CA ALA A 95 3.67 0.77 -14.37
C ALA A 95 4.22 2.16 -14.07
N LEU A 96 5.54 2.27 -13.94
CA LEU A 96 6.16 3.56 -13.63
C LEU A 96 6.58 4.32 -14.89
N CYS A 97 6.26 3.83 -16.08
CA CYS A 97 6.54 4.50 -17.35
C CYS A 97 5.24 4.72 -18.12
N PRO A 98 4.28 5.42 -17.52
CA PRO A 98 2.96 5.57 -18.16
C PRO A 98 3.07 6.42 -19.40
N ALA A 99 2.15 6.17 -20.34
CA ALA A 99 2.14 7.02 -21.52
C ALA A 99 1.72 8.44 -21.16
N GLU A 100 0.90 8.61 -20.13
CA GLU A 100 0.51 9.94 -19.65
C GLU A 100 1.02 10.14 -18.24
N PRO A 101 2.00 11.01 -18.02
CA PRO A 101 2.61 11.14 -16.69
C PRO A 101 1.65 11.67 -15.64
N ASP A 102 1.87 11.23 -14.40
CA ASP A 102 1.17 11.73 -13.23
C ASP A 102 2.20 12.39 -12.30
N ALA A 103 1.75 13.43 -11.59
CA ALA A 103 2.64 14.08 -10.62
C ALA A 103 3.00 13.11 -9.49
N ALA A 104 2.03 12.31 -9.04
CA ALA A 104 2.25 11.45 -7.90
C ALA A 104 1.82 10.03 -8.22
N THR A 105 2.72 9.08 -7.99
CA THR A 105 2.40 7.66 -8.14
C THR A 105 2.61 6.97 -6.81
N TRP A 106 1.58 6.27 -6.36
CA TRP A 106 1.62 5.53 -5.10
C TRP A 106 1.56 4.05 -5.40
N VAL A 107 2.55 3.32 -4.90
CA VAL A 107 2.52 1.87 -4.90
C VAL A 107 1.78 1.42 -3.64
N ILE A 108 0.69 0.67 -3.84
CA ILE A 108 -0.24 0.37 -2.77
C ILE A 108 -0.25 -1.13 -2.42
N GLY A 109 0.77 -1.87 -2.85
CA GLY A 109 1.00 -3.24 -2.40
C GLY A 109 0.66 -4.24 -3.50
N GLY A 110 0.78 -5.52 -3.17
CA GLY A 110 1.07 -5.99 -1.83
C GLY A 110 2.53 -6.32 -1.62
N ALA A 111 2.82 -7.37 -0.85
CA ALA A 111 4.20 -7.61 -0.41
C ALA A 111 5.15 -7.86 -1.59
N GLN A 112 4.70 -8.60 -2.61
CA GLN A 112 5.59 -8.84 -3.74
C GLN A 112 5.92 -7.54 -4.45
N ILE A 113 4.92 -6.69 -4.66
CA ILE A 113 5.12 -5.45 -5.41
C ILE A 113 5.89 -4.44 -4.56
N TYR A 114 5.67 -4.39 -3.24
CA TYR A 114 6.48 -3.50 -2.41
C TYR A 114 7.95 -3.83 -2.52
N ALA A 115 8.28 -5.12 -2.55
CA ALA A 115 9.70 -5.48 -2.63
C ALA A 115 10.32 -5.02 -3.94
N LEU A 116 9.54 -5.10 -5.02
CA LEU A 116 9.99 -4.64 -6.32
C LEU A 116 10.10 -3.13 -6.39
N ALA A 117 9.21 -2.43 -5.69
CA ALA A 117 9.15 -0.97 -5.81
C ALA A 117 10.11 -0.25 -4.89
N LEU A 118 10.43 -0.83 -3.74
CA LEU A 118 11.23 -0.11 -2.76
C LEU A 118 12.51 0.48 -3.34
N PRO A 119 13.30 -0.23 -4.15
CA PRO A 119 14.53 0.37 -4.71
C PRO A 119 14.26 1.56 -5.60
N LEU A 120 13.04 1.71 -6.12
CA LEU A 120 12.71 2.80 -7.03
C LEU A 120 12.04 3.96 -6.31
N ALA A 121 11.78 3.83 -5.01
CA ALA A 121 10.92 4.78 -4.32
C ALA A 121 11.74 5.78 -3.52
N ASN A 122 11.16 6.94 -3.30
CA ASN A 122 11.81 7.96 -2.47
C ASN A 122 11.04 8.24 -1.19
N ARG A 123 9.84 7.68 -1.05
CA ARG A 123 9.04 7.98 0.12
C ARG A 123 8.22 6.77 0.50
N CYS A 124 8.07 6.56 1.80
CA CYS A 124 7.19 5.53 2.32
C CYS A 124 6.30 6.14 3.39
N GLU A 125 5.00 5.90 3.28
CA GLU A 125 4.03 6.35 4.28
C GLU A 125 3.48 5.10 4.95
N VAL A 126 3.80 4.91 6.23
CA VAL A 126 3.59 3.64 6.90
C VAL A 126 2.68 3.86 8.10
N THR A 127 1.61 3.08 8.19
CA THR A 127 0.80 3.04 9.40
C THR A 127 1.21 1.83 10.21
N GLU A 128 1.54 2.04 11.46
CA GLU A 128 1.90 0.97 12.38
C GLU A 128 0.71 0.69 13.28
N VAL A 129 0.30 -0.58 13.34
CA VAL A 129 -0.88 -0.99 14.06
C VAL A 129 -0.45 -1.91 15.20
N ASP A 130 -0.73 -1.48 16.43
CA ASP A 130 -0.40 -2.26 17.62
C ASP A 130 -1.48 -3.31 17.81
N VAL A 131 -1.34 -4.39 17.07
CA VAL A 131 -2.25 -5.52 17.13
C VAL A 131 -1.39 -6.77 17.25
N ASP A 132 -1.74 -7.64 18.18
CA ASP A 132 -0.97 -8.84 18.42
C ASP A 132 -1.33 -9.86 17.36
N LEU A 133 -0.43 -10.05 16.40
CA LEU A 133 -0.67 -10.91 15.25
C LEU A 133 0.57 -11.74 15.04
N PRO A 134 0.73 -12.82 15.78
CA PRO A 134 1.81 -13.76 15.48
C PRO A 134 1.74 -14.16 14.02
N PRO A 135 2.81 -13.92 13.26
CA PRO A 135 2.75 -14.24 11.82
C PRO A 135 2.45 -15.72 11.59
N GLU A 136 1.78 -15.99 10.48
CA GLU A 136 1.39 -17.34 10.08
C GLU A 136 2.02 -17.60 8.72
N ASP A 137 2.03 -18.89 8.32
CA ASP A 137 2.89 -19.33 7.22
C ASP A 137 2.61 -18.55 5.93
N GLU A 138 1.35 -18.27 5.63
CA GLU A 138 1.04 -17.66 4.35
C GLU A 138 0.84 -16.15 4.45
N ASP A 139 1.27 -15.53 5.55
CA ASP A 139 1.07 -14.10 5.67
C ASP A 139 1.88 -13.32 4.64
N ALA A 140 1.31 -12.19 4.24
CA ALA A 140 2.06 -11.22 3.47
C ALA A 140 2.67 -10.23 4.44
N LEU A 141 3.95 -9.93 4.25
CA LEU A 141 4.75 -9.17 5.20
C LEU A 141 5.25 -7.84 4.60
N ALA A 142 5.51 -6.88 5.47
CA ALA A 142 5.91 -5.56 5.03
C ALA A 142 7.37 -5.55 4.59
N PRO A 143 7.76 -4.63 3.73
CA PRO A 143 9.17 -4.48 3.44
C PRO A 143 9.90 -3.98 4.68
N VAL A 144 11.21 -4.20 4.71
CA VAL A 144 12.06 -3.67 5.77
C VAL A 144 12.81 -2.47 5.21
N LEU A 145 12.78 -1.36 5.94
CA LEU A 145 13.51 -0.16 5.56
C LEU A 145 14.89 -0.20 6.21
N ASP A 146 15.93 -0.08 5.40
CA ASP A 146 17.30 -0.14 5.90
C ASP A 146 17.82 1.27 6.16
N GLN A 147 19.13 1.39 6.37
CA GLN A 147 19.75 2.65 6.76
C GLN A 147 19.71 3.71 5.67
N THR A 148 19.27 3.38 4.46
CA THR A 148 19.13 4.41 3.43
C THR A 148 17.83 5.19 3.59
N TRP A 149 17.01 4.82 4.56
CA TRP A 149 15.73 5.46 4.83
C TRP A 149 15.78 6.10 6.21
N ALA A 150 15.19 7.28 6.34
CA ALA A 150 15.03 7.92 7.63
C ALA A 150 13.63 8.49 7.70
N GLY A 151 13.09 8.57 8.91
CA GLY A 151 11.71 8.95 9.01
C GLY A 151 11.36 9.79 10.22
N THR A 152 10.09 10.15 10.25
CA THR A 152 9.50 10.88 11.36
CA THR A 152 9.47 10.91 11.32
C THR A 152 8.21 10.16 11.74
N SER A 153 7.89 10.24 13.03
CA SER A 153 6.77 9.47 13.58
C SER A 153 5.74 10.38 14.25
N GLY A 154 4.46 10.17 13.92
CA GLY A 154 3.39 10.79 14.67
C GLY A 154 3.21 10.14 16.02
N GLU A 155 2.32 10.72 16.81
CA GLU A 155 2.01 10.18 18.12
C GLU A 155 1.26 8.86 18.01
N TRP A 156 1.47 7.98 18.99
CA TRP A 156 0.56 6.84 19.11
C TRP A 156 -0.84 7.36 19.37
N LEU A 157 -1.78 6.93 18.56
CA LEU A 157 -3.18 7.29 18.64
C LEU A 157 -4.01 6.04 18.89
N VAL A 158 -5.22 6.21 19.42
CA VAL A 158 -6.14 5.10 19.63
C VAL A 158 -7.32 5.27 18.68
N SER A 159 -7.63 4.22 17.95
CA SER A 159 -8.77 4.25 17.05
C SER A 159 -10.10 4.22 17.82
N ARG A 160 -11.16 4.72 17.18
CA ARG A 160 -12.52 4.59 17.72
C ARG A 160 -12.89 3.13 17.93
N SER A 161 -12.21 2.22 17.22
CA SER A 161 -12.39 0.77 17.35
C SER A 161 -11.55 0.14 18.45
N GLY A 162 -10.57 0.85 19.00
CA GLY A 162 -9.80 0.39 20.14
C GLY A 162 -8.33 0.14 19.88
N LEU A 163 -7.89 0.02 18.62
CA LEU A 163 -6.50 -0.30 18.33
C LEU A 163 -5.57 0.92 18.45
N ARG A 164 -4.40 0.71 19.03
CA ARG A 164 -3.35 1.71 18.99
C ARG A 164 -2.70 1.75 17.60
N TYR A 165 -2.46 2.95 17.06
CA TYR A 165 -1.82 3.05 15.74
C TYR A 165 -1.03 4.35 15.67
N ARG A 166 -0.12 4.42 14.71
CA ARG A 166 0.58 5.67 14.50
C ARG A 166 1.15 5.69 13.10
N MET A 167 1.34 6.87 12.58
CA MET A 167 1.80 7.03 11.21
CA MET A 167 1.79 7.09 11.21
C MET A 167 3.25 7.47 11.19
N HIS A 168 4.02 6.85 10.29
CA HIS A 168 5.43 7.13 10.06
C HIS A 168 5.59 7.61 8.63
N SER A 169 6.45 8.61 8.43
CA SER A 169 6.74 9.15 7.10
CA SER A 169 6.73 9.15 7.11
C SER A 169 8.23 9.03 6.86
N TYR A 170 8.60 8.20 5.90
CA TYR A 170 10.00 7.94 5.58
C TYR A 170 10.39 8.54 4.24
N ARG A 171 11.62 9.05 4.17
CA ARG A 171 12.16 9.55 2.93
C ARG A 171 13.56 8.99 2.74
N ARG A 172 13.93 8.79 1.48
CA ARG A 172 15.26 8.32 1.15
C ARG A 172 16.30 9.39 1.53
N LEU A 173 17.34 9.00 2.24
CA LEU A 173 18.43 9.90 2.58
C LEU A 173 19.28 10.20 1.37
#